data_8QDU
#
_entry.id   8QDU
#
_entity_poly.entity_id   1
_entity_poly.type   'polydeoxyribonucleotide'
_entity_poly.pdbx_seq_one_letter_code
;(CFL)(DG)(CFL)(DG)(CFL)(DG)
;
_entity_poly.pdbx_strand_id   A,B
#
loop_
_chem_comp.id
_chem_comp.type
_chem_comp.name
_chem_comp.formula
CFL DNA linking 4-amino-1-(2-deoxy-2-fluoro-5-O-phosphono-beta-D-arabinofuranosyl)pyrimidin-2(1H)-one 'C9 H13 F N3 O7 P'
DG DNA linking 2'-DEOXYGUANOSINE-5'-MONOPHOSPHATE 'C10 H14 N5 O7 P'
#
# COMPACT_ATOMS: atom_id res chain seq x y z
O5' CFL A 1 -0.20 -4.54 -9.91
C5' CFL A 1 0.27 -4.71 -8.58
C4' CFL A 1 -0.86 -4.90 -7.56
O4' CFL A 1 -1.67 -3.73 -7.52
C3' CFL A 1 -1.79 -6.08 -7.84
O3' CFL A 1 -1.80 -6.98 -6.73
C2' CFL A 1 -3.15 -5.44 -8.03
C1' CFL A 1 -2.99 -4.16 -7.21
N1 CFL A 1 -4.02 -3.12 -7.49
C2 CFL A 1 -5.34 -3.36 -7.07
O2 CFL A 1 -5.66 -4.38 -6.47
N3 CFL A 1 -6.31 -2.45 -7.32
C4 CFL A 1 -6.01 -1.33 -7.97
N4 CFL A 1 -6.98 -0.48 -8.15
C5 CFL A 1 -4.68 -1.04 -8.42
C6 CFL A 1 -3.72 -1.95 -8.16
F CFL A 1 -3.36 -5.14 -9.37
H5'1 CFL A 1 0.86 -3.84 -8.29
H5'2 CFL A 1 0.93 -5.59 -8.54
H4' CFL A 1 -0.42 -5.04 -6.58
H3' CFL A 1 -1.51 -6.59 -8.77
H2' CFL A 1 -3.96 -6.07 -7.64
H1' CFL A 1 -3.04 -4.45 -6.15
HN41 CFL A 1 -7.89 -0.69 -7.72
HN42 CFL A 1 -6.81 0.40 -8.61
H5 CFL A 1 -4.43 -0.12 -8.93
H6 CFL A 1 -2.69 -1.77 -8.46
HO5' CFL A 1 -0.89 -3.86 -9.91
P CFL A 3 4.67 -6.50 -2.16
O1P CFL A 3 6.13 -6.35 -2.03
O2P CFL A 3 3.99 -7.79 -1.88
O5' CFL A 3 3.95 -5.36 -1.29
C5' CFL A 3 4.19 -5.21 0.10
C4' CFL A 3 3.05 -4.39 0.74
O4' CFL A 3 2.93 -3.12 0.11
C3' CFL A 3 1.68 -5.09 0.63
O3' CFL A 3 1.11 -5.39 1.90
C2' CFL A 3 0.80 -4.11 -0.12
C1' CFL A 3 1.55 -2.78 0.04
N1 CFL A 3 1.29 -1.81 -1.06
C2 CFL A 3 0.02 -1.24 -1.15
O2 CFL A 3 -0.89 -1.56 -0.40
N3 CFL A 3 -0.25 -0.30 -2.08
C4 CFL A 3 0.68 0.04 -2.94
N4 CFL A 3 0.34 0.95 -3.82
C5 CFL A 3 1.99 -0.54 -2.94
C6 CFL A 3 2.27 -1.44 -1.97
F CFL A 3 0.67 -4.49 -1.44
H5'1 CFL A 3 5.14 -4.68 0.26
H5'2 CFL A 3 4.23 -6.18 0.58
H4' CFL A 3 3.28 -4.22 1.79
H3' CFL A 3 1.78 -6.00 0.03
H2' CFL A 3 -0.19 -4.04 0.34
H1' CFL A 3 1.25 -2.36 0.99
HN41 CFL A 3 -0.53 1.48 -3.74
HN42 CFL A 3 0.92 1.12 -4.60
H5 CFL A 3 2.75 -0.26 -3.64
H6 CFL A 3 3.25 -1.90 -1.90
P CFL A 5 5.91 -4.86 7.90
O1P CFL A 5 7.17 -5.12 8.63
O2P CFL A 5 4.68 -5.58 8.26
O5' CFL A 5 5.59 -3.28 7.97
C5' CFL A 5 5.60 -2.54 9.17
C4' CFL A 5 4.98 -1.15 8.96
O4' CFL A 5 5.72 -0.46 7.96
C3' CFL A 5 3.51 -1.20 8.50
O3' CFL A 5 2.63 -0.45 9.37
C2' CFL A 5 3.51 -0.54 7.13
C1' CFL A 5 4.81 0.26 7.15
N1 CFL A 5 5.37 0.54 5.79
C2 CFL A 5 4.66 1.40 4.95
O2 CFL A 5 3.60 1.89 5.30
N3 CFL A 5 5.15 1.70 3.72
C4 CFL A 5 6.27 1.15 3.31
N4 CFL A 5 6.68 1.49 2.12
C5 CFL A 5 7.02 0.24 4.12
C6 CFL A 5 6.55 -0.04 5.36
F CFL A 5 3.45 -1.50 6.13
H5'1 CFL A 5 6.63 -2.43 9.52
H5'2 CFL A 5 5.02 -3.06 9.94
H4' CFL A 5 5.05 -0.57 9.87
H3' CFL A 5 3.18 -2.24 8.40
H2' CFL A 5 2.65 0.12 7.02
H1' CFL A 5 4.58 1.21 7.63
HN41 CFL A 5 6.18 2.20 1.58
HN42 CFL A 5 7.48 1.06 1.74
H5 CFL A 5 7.95 -0.20 3.79
H6 CFL A 5 7.10 -0.70 6.02
O5' CFL B 1 5.18 9.29 2.33
C5' CFL B 1 3.88 8.72 2.20
C4' CFL B 1 3.63 7.60 3.22
O4' CFL B 1 4.55 6.55 3.00
C3' CFL B 1 3.78 8.05 4.69
O3' CFL B 1 2.59 7.79 5.43
C2' CFL B 1 4.92 7.20 5.20
C1' CFL B 1 4.82 5.99 4.28
N1 CFL B 1 6.04 5.12 4.28
C2 CFL B 1 6.30 4.36 5.42
O2 CFL B 1 5.53 4.35 6.38
N3 CFL B 1 7.41 3.60 5.50
C4 CFL B 1 8.26 3.58 4.48
N4 CFL B 1 9.29 2.79 4.62
C5 CFL B 1 8.04 4.33 3.28
C6 CFL B 1 6.90 5.08 3.22
F CFL B 1 6.12 7.86 4.99
H5'1 CFL B 1 3.77 8.30 1.20
H5'2 CFL B 1 3.13 9.50 2.33
H4' CFL B 1 2.63 7.22 3.07
H3' CFL B 1 4.06 9.10 4.75
H2' CFL B 1 4.80 6.94 6.25
H1' CFL B 1 3.95 5.41 4.62
HN41 CFL B 1 9.34 2.23 5.47
HN42 CFL B 1 9.96 2.72 3.88
H5 CFL B 1 8.71 4.30 2.45
H6 CFL B 1 6.68 5.65 2.33
HO5' CFL B 1 5.82 8.58 2.49
P CFL B 3 -3.89 7.18 0.89
O1P CFL B 3 -4.34 7.43 2.28
O2P CFL B 3 -4.69 7.65 -0.25
O5' CFL B 3 -3.62 5.61 0.72
C5' CFL B 3 -4.66 4.67 0.57
C4' CFL B 3 -4.16 3.26 0.88
O4' CFL B 3 -3.07 2.94 0.03
C3' CFL B 3 -3.68 3.12 2.35
O3' CFL B 3 -4.40 2.11 3.07
C2' CFL B 3 -2.23 2.70 2.22
C1' CFL B 3 -2.13 2.19 0.79
N1 CFL B 3 -0.76 2.29 0.20
C2 CFL B 3 0.25 1.48 0.74
O2 CFL B 3 0.05 0.74 1.70
N3 CFL B 3 1.50 1.50 0.21
C4 CFL B 3 1.76 2.29 -0.80
N4 CFL B 3 2.98 2.24 -1.27
C5 CFL B 3 0.78 3.19 -1.36
C6 CFL B 3 -0.47 3.14 -0.84
F CFL B 3 -1.40 3.80 2.45
H5'1 CFL B 3 -5.03 4.70 -0.46
H5'2 CFL B 3 -5.49 4.91 1.24
H4' CFL B 3 -4.95 2.54 0.70
H3' CFL B 3 -3.74 4.08 2.86
H2' CFL B 3 -1.99 1.91 2.94
H1' CFL B 3 -2.43 1.14 0.80
HN41 CFL B 3 3.64 1.52 -1.00
HN42 CFL B 3 3.27 2.91 -1.94
H5 CFL B 3 1.01 3.84 -2.19
H6 CFL B 3 -1.25 3.77 -1.24
P CFL B 5 -11.14 0.10 -0.38
O1P CFL B 5 -11.15 -0.40 1.00
O2P CFL B 5 -12.38 0.62 -0.98
O5' CFL B 5 -10.39 -0.93 -1.36
C5' CFL B 5 -10.91 -2.23 -1.64
C4' CFL B 5 -9.78 -3.17 -2.08
O4' CFL B 5 -9.07 -2.59 -3.16
C3' CFL B 5 -8.76 -3.47 -0.97
O3' CFL B 5 -8.73 -4.86 -0.63
C2' CFL B 5 -7.41 -3.04 -1.54
C1' CFL B 5 -7.69 -2.89 -3.04
N1 CFL B 5 -6.85 -1.87 -3.73
C2 CFL B 5 -5.48 -2.14 -3.90
O2 CFL B 5 -4.97 -3.17 -3.48
N3 CFL B 5 -4.69 -1.25 -4.55
C4 CFL B 5 -5.21 -0.11 -4.98
N4 CFL B 5 -4.39 0.71 -5.59
C5 CFL B 5 -6.59 0.21 -4.82
C6 CFL B 5 -7.38 -0.70 -4.21
F CFL B 5 -7.04 -1.84 -0.96
H5'1 CFL B 5 -11.66 -2.16 -2.43
H5'2 CFL B 5 -11.38 -2.65 -0.75
H4' CFL B 5 -10.21 -4.10 -2.44
H3' CFL B 5 -8.98 -2.87 -0.08
H2' CFL B 5 -6.65 -3.79 -1.35
H1' CFL B 5 -7.50 -3.88 -3.48
HN41 CFL B 5 -3.42 0.44 -5.77
HN42 CFL B 5 -4.72 1.60 -5.89
H5 CFL B 5 -7.01 1.14 -5.19
H6 CFL B 5 -8.44 -0.51 -4.10
O5' CFL A 1 -0.35 -4.34 -9.98
C5' CFL A 1 0.33 -4.54 -8.76
C4' CFL A 1 -0.65 -4.91 -7.61
O4' CFL A 1 -1.54 -3.83 -7.41
C3' CFL A 1 -1.50 -6.17 -7.89
O3' CFL A 1 -1.19 -7.29 -7.01
C2' CFL A 1 -2.93 -5.67 -7.65
C1' CFL A 1 -2.72 -4.38 -6.86
N1 CFL A 1 -3.88 -3.44 -6.92
C2 CFL A 1 -5.05 -3.78 -6.24
O2 CFL A 1 -5.12 -4.77 -5.53
N3 CFL A 1 -6.16 -2.99 -6.33
C4 CFL A 1 -6.12 -1.91 -7.08
N4 CFL A 1 -7.22 -1.19 -7.11
C5 CFL A 1 -4.95 -1.50 -7.79
C6 CFL A 1 -3.85 -2.28 -7.67
F CFL A 1 -3.54 -5.41 -8.87
H5'1 CFL A 1 0.87 -3.64 -8.48
H5'2 CFL A 1 1.05 -5.35 -8.86
H4' CFL A 1 -0.09 -5.05 -6.68
H3' CFL A 1 -1.40 -6.45 -8.94
H2' CFL A 1 -3.51 -6.39 -7.08
H1' CFL A 1 -2.55 -4.67 -5.82
HN41 CFL A 1 -8.00 -1.51 -6.55
HN42 CFL A 1 -7.27 -0.35 -7.65
H5 CFL A 1 -4.91 -0.61 -8.39
H6 CFL A 1 -2.93 -2.01 -8.17
HO5' CFL A 1 -1.08 -3.73 -9.82
P CFL A 3 4.95 -6.43 -2.56
O1P CFL A 3 6.39 -6.32 -2.27
O2P CFL A 3 4.27 -7.73 -2.53
O5' CFL A 3 4.14 -5.41 -1.60
C5' CFL A 3 4.31 -5.37 -0.20
C4' CFL A 3 3.10 -4.65 0.45
O4' CFL A 3 2.99 -3.33 -0.09
C3' CFL A 3 1.76 -5.40 0.21
O3' CFL A 3 1.17 -5.95 1.39
C2' CFL A 3 0.87 -4.31 -0.41
C1' CFL A 3 1.61 -3.00 -0.13
N1 CFL A 3 1.35 -1.90 -1.11
C2 CFL A 3 0.08 -1.31 -1.11
O2 CFL A 3 -0.78 -1.63 -0.31
N3 CFL A 3 -0.23 -0.35 -2.01
C4 CFL A 3 0.68 0.02 -2.90
N4 CFL A 3 0.29 0.95 -3.74
C5 CFL A 3 1.98 -0.55 -2.95
C6 CFL A 3 2.29 -1.49 -2.02
F CFL A 3 0.70 -4.54 -1.77
H5'1 CFL A 3 5.23 -4.83 0.05
H5'2 CFL A 3 4.37 -6.38 0.21
H4' CFL A 3 3.26 -4.55 1.52
H3' CFL A 3 1.92 -6.18 -0.54
H2' CFL A 3 -0.11 -4.30 0.07
H1' CFL A 3 1.30 -2.67 0.87
HN41 CFL A 3 -0.60 1.44 -3.66
HN42 CFL A 3 0.88 1.21 -4.49
H5 CFL A 3 2.72 -0.23 -3.67
H6 CFL A 3 3.27 -1.93 -2.00
P CFL A 5 5.20 -5.19 7.76
O1P CFL A 5 6.37 -5.27 8.65
O2P CFL A 5 4.05 -6.09 7.95
O5' CFL A 5 4.65 -3.67 7.73
C5' CFL A 5 4.18 -3.00 8.89
C4' CFL A 5 3.49 -1.68 8.51
O4' CFL A 5 4.40 -0.91 7.75
C3' CFL A 5 2.19 -1.85 7.67
O3' CFL A 5 1.01 -1.41 8.35
C2' CFL A 5 2.43 -0.97 6.44
C1' CFL A 5 3.66 -0.14 6.82
N1 CFL A 5 4.51 0.27 5.66
C2 CFL A 5 3.99 1.23 4.79
O2 CFL A 5 2.92 1.78 4.99
N3 CFL A 5 4.68 1.58 3.67
C4 CFL A 5 5.84 0.99 3.42
N4 CFL A 5 6.42 1.35 2.30
C5 CFL A 5 6.43 0.02 4.29
C6 CFL A 5 5.74 -0.29 5.42
F CFL A 5 2.63 -1.77 5.32
H5'1 CFL A 5 5.03 -2.79 9.55
H5'2 CFL A 5 3.46 -3.64 9.42
H4' CFL A 5 3.25 -1.11 9.41
H3' CFL A 5 2.12 -2.89 7.35
H2' CFL A 5 1.58 -0.31 6.27
H1' CFL A 5 3.28 0.75 7.32
HN41 CFL A 5 6.00 2.07 1.72
HN42 CFL A 5 7.27 0.90 2.02
H5 CFL A 5 7.37 -0.46 4.09
H6 CFL A 5 6.14 -1.01 6.13
O5' CFL B 1 5.32 9.27 2.24
C5' CFL B 1 3.99 8.82 2.00
C4' CFL B 1 3.53 7.77 3.03
O4' CFL B 1 4.40 6.65 2.94
C3' CFL B 1 3.57 8.26 4.50
O3' CFL B 1 2.25 8.29 5.09
C2' CFL B 1 4.46 7.24 5.20
C1' CFL B 1 4.40 6.05 4.23
N1 CFL B 1 5.51 5.07 4.42
C2 CFL B 1 5.50 4.28 5.57
O2 CFL B 1 4.56 4.32 6.37
N3 CFL B 1 6.52 3.42 5.83
C4 CFL B 1 7.53 3.35 4.99
N4 CFL B 1 8.47 2.49 5.31
C5 CFL B 1 7.58 4.12 3.78
C6 CFL B 1 6.55 4.96 3.52
F CFL B 1 5.75 7.73 5.27
H5'1 CFL B 1 3.93 8.37 1.00
H5'2 CFL B 1 3.31 9.67 2.03
H4' CFL B 1 2.52 7.43 2.78
H3' CFL B 1 4.03 9.26 4.55
H2' CFL B 1 4.08 6.98 6.19
H1' CFL B 1 3.44 5.56 4.42
HN41 CFL B 1 8.33 1.94 6.16
HN42 CFL B 1 9.26 2.36 4.72
H5 CFL B 1 8.40 4.04 3.09
H6 CFL B 1 6.54 5.56 2.62
HO5' CFL B 1 5.87 8.48 2.38
P CFL B 3 -3.70 7.62 0.58
O1P CFL B 3 -3.96 8.11 1.95
O2P CFL B 3 -4.62 8.01 -0.51
O5' CFL B 3 -3.48 6.02 0.60
C5' CFL B 3 -4.52 5.06 0.62
C4' CFL B 3 -3.97 3.68 1.05
O4' CFL B 3 -2.94 3.26 0.17
C3' CFL B 3 -3.39 3.67 2.49
O3' CFL B 3 -4.12 2.91 3.45
C2' CFL B 3 -1.99 3.10 2.30
C1' CFL B 3 -2.02 2.48 0.90
N1 CFL B 3 -0.67 2.43 0.24
C2 CFL B 3 0.29 1.58 0.76
O2 CFL B 3 0.07 0.87 1.73
N3 CFL B 3 1.52 1.51 0.20
C4 CFL B 3 1.82 2.28 -0.82
N4 CFL B 3 3.03 2.15 -1.32
C5 CFL B 3 0.87 3.18 -1.40
C6 CFL B 3 -0.37 3.21 -0.86
F CFL B 3 -1.06 4.12 2.43
H5'1 CFL B 3 -4.96 4.97 -0.38
H5'2 CFL B 3 -5.30 5.36 1.32
H4' CFL B 3 -4.76 2.92 0.99
H3' CFL B 3 -3.30 4.72 2.82
H2' CFL B 3 -1.77 2.34 3.05
H1' CFL B 3 -2.39 1.47 1.02
HN41 CFL B 3 3.69 1.46 -0.99
HN42 CFL B 3 3.32 2.75 -2.04
H5 CFL B 3 1.11 3.80 -2.25
H6 CFL B 3 -1.13 3.85 -1.29
P CFL B 5 -10.62 -0.09 0.91
O1P CFL B 5 -10.48 -0.24 2.36
O2P CFL B 5 -11.95 -0.13 0.28
O5' CFL B 5 -9.66 -1.15 0.18
C5' CFL B 5 -9.95 -2.54 0.13
C4' CFL B 5 -8.70 -3.34 -0.35
O4' CFL B 5 -8.28 -2.82 -1.60
C3' CFL B 5 -7.49 -3.28 0.61
O3' CFL B 5 -7.21 -4.55 1.23
C2' CFL B 5 -6.33 -2.84 -0.27
C1' CFL B 5 -6.88 -2.98 -1.70
N1 CFL B 5 -6.29 -2.03 -2.70
C2 CFL B 5 -4.96 -2.22 -3.11
O2 CFL B 5 -4.29 -3.16 -2.69
N3 CFL B 5 -4.38 -1.36 -3.96
C4 CFL B 5 -5.07 -0.33 -4.41
N4 CFL B 5 -4.43 0.50 -5.21
C5 CFL B 5 -6.43 -0.09 -4.05
C6 CFL B 5 -7.01 -0.98 -3.22
F CFL B 5 -5.95 -1.55 0.04
H5'1 CFL B 5 -10.78 -2.72 -0.56
H5'2 CFL B 5 -10.23 -2.90 1.12
H4' CFL B 5 -8.99 -4.38 -0.51
H3' CFL B 5 -7.67 -2.52 1.38
H2' CFL B 5 -5.47 -3.51 -0.13
H1' CFL B 5 -6.66 -4.02 -1.99
HN41 CFL B 5 -3.47 0.30 -5.50
HN42 CFL B 5 -4.88 1.33 -5.53
H5 CFL B 5 -6.99 0.76 -4.42
H6 CFL B 5 -8.05 -0.86 -2.93
O5' CFL A 1 -0.53 -4.47 -9.96
C5' CFL A 1 0.09 -4.66 -8.69
C4' CFL A 1 -0.91 -4.91 -7.56
O4' CFL A 1 -1.79 -3.79 -7.44
C3' CFL A 1 -1.80 -6.15 -7.79
O3' CFL A 1 -1.67 -7.07 -6.70
C2' CFL A 1 -3.22 -5.58 -7.82
C1' CFL A 1 -3.04 -4.31 -7.01
N1 CFL A 1 -4.16 -3.34 -7.18
C2 CFL A 1 -5.39 -3.62 -6.58
O2 CFL A 1 -5.55 -4.63 -5.88
N3 CFL A 1 -6.45 -2.80 -6.75
C4 CFL A 1 -6.30 -1.71 -7.50
N4 CFL A 1 -7.36 -0.94 -7.61
C5 CFL A 1 -5.08 -1.36 -8.13
C6 CFL A 1 -4.02 -2.20 -7.94
F CFL A 1 -3.56 -5.29 -9.14
H5'1 CFL A 1 0.66 -3.75 -8.44
H5'2 CFL A 1 0.79 -5.50 -8.74
H4' CFL A 1 -0.38 -5.02 -6.62
H3' CFL A 1 -1.59 -6.63 -8.74
H2' CFL A 1 -3.94 -6.27 -7.38
H1' CFL A 1 -2.98 -4.60 -5.95
HN41 CFL A 1 -8.20 -1.19 -7.09
HN42 CFL A 1 -7.30 -0.09 -8.14
H5 CFL A 1 -4.96 -0.46 -8.72
H6 CFL A 1 -3.06 -1.96 -8.38
HO5' CFL A 1 -1.31 -3.91 -9.85
P CFL A 3 4.92 -6.38 -2.44
O1P CFL A 3 6.38 -6.18 -2.31
O2P CFL A 3 4.33 -7.71 -2.19
O5' CFL A 3 4.16 -5.30 -1.49
C5' CFL A 3 4.38 -5.20 -0.09
C4' CFL A 3 3.21 -4.47 0.58
O4' CFL A 3 3.03 -3.18 0.01
C3' CFL A 3 1.88 -5.22 0.47
O3' CFL A 3 1.35 -5.61 1.74
C2' CFL A 3 0.93 -4.23 -0.21
C1' CFL A 3 1.64 -2.89 -0.02
N1 CFL A 3 1.31 -1.88 -1.07
C2 CFL A 3 0.02 -1.33 -1.09
O2 CFL A 3 -0.85 -1.67 -0.29
N3 CFL A 3 -0.31 -0.40 -2.01
C4 CFL A 3 0.58 -0.03 -2.91
N4 CFL A 3 0.20 0.89 -3.77
C5 CFL A 3 1.91 -0.56 -2.95
C6 CFL A 3 2.23 -1.47 -2.00
F CFL A 3 0.76 -4.56 -1.55
H5'1 CFL A 3 5.30 -4.65 0.08
H5'2 CFL A 3 4.46 -6.19 0.34
H4' CFL A 3 3.44 -4.32 1.63
H3' CFL A 3 2.00 -6.10 -0.19
H2' CFL A 3 -0.05 -4.22 0.28
H1' CFL A 3 1.33 -2.51 0.97
HN41 CFL A 3 -0.68 1.40 -3.70
HN42 CFL A 3 0.80 1.13 -4.52
H5 CFL A 3 2.64 -0.25 -3.68
H6 CFL A 3 3.24 -1.89 -1.97
P CFL A 5 5.88 -4.90 7.89
O1P CFL A 5 7.10 -5.13 8.68
O2P CFL A 5 4.64 -5.64 8.18
O5' CFL A 5 5.53 -3.31 7.91
C5' CFL A 5 5.43 -2.57 9.12
C4' CFL A 5 4.76 -1.20 8.85
O4' CFL A 5 5.52 -0.47 7.89
C3' CFL A 5 3.32 -1.30 8.33
O3' CFL A 5 2.38 -0.63 9.19
C2' CFL A 5 3.35 -0.60 6.97
C1' CFL A 5 4.63 0.24 7.04
N1 CFL A 5 5.24 0.54 5.72
C2 CFL A 5 4.57 1.40 4.85
O2 CFL A 5 3.48 1.89 5.15
N3 CFL A 5 5.10 1.72 3.64
C4 CFL A 5 6.24 1.17 3.29
N4 CFL A 5 6.68 1.50 2.10
C5 CFL A 5 6.98 0.26 4.11
C6 CFL A 5 6.45 -0.01 5.33
F CFL A 5 3.36 -1.51 5.94
H5'1 CFL A 5 6.42 -2.41 9.53
H5'2 CFL A 5 4.81 -3.12 9.84
H4' CFL A 5 4.77 -0.63 9.78
H3' CFL A 5 3.04 -2.35 8.18
H2' CFL A 5 2.49 0.06 6.86
H1' CFL A 5 4.35 1.18 7.53
HN41 CFL A 5 6.19 2.20 1.54
HN42 CFL A 5 7.52 1.09 1.74
H5 CFL A 5 7.91 -0.18 3.80
H6 CFL A 5 6.97 -0.67 6.01
O5' CFL B 1 5.36 9.24 2.22
C5' CFL B 1 4.02 8.74 2.08
C4' CFL B 1 3.68 7.67 3.14
O4' CFL B 1 4.58 6.57 2.99
C3' CFL B 1 3.79 8.16 4.59
O3' CFL B 1 2.53 8.07 5.27
C2' CFL B 1 4.83 7.24 5.21
C1' CFL B 1 4.75 6.01 4.28
N1 CFL B 1 5.95 5.12 4.37
C2 CFL B 1 6.14 4.36 5.52
O2 CFL B 1 5.33 4.37 6.44
N3 CFL B 1 7.24 3.59 5.65
C4 CFL B 1 8.13 3.56 4.68
N4 CFL B 1 9.15 2.76 4.86
C5 CFL B 1 7.99 4.30 3.47
C6 CFL B 1 6.88 5.07 3.34
F CFL B 1 6.08 7.83 5.11
H5'1 CFL B 1 3.91 8.29 1.08
H5'2 CFL B 1 3.30 9.56 2.18
H4' CFL B 1 2.67 7.30 2.96
H3' CFL B 1 4.17 9.19 4.62
H2' CFL B 1 4.59 6.98 6.25
H1' CFL B 1 3.86 5.45 4.57
HN41 CFL B 1 9.18 2.20 5.72
HN42 CFL B 1 9.87 2.67 4.16
H5 CFL B 1 8.71 4.25 2.67
H6 CFL B 1 6.70 5.63 2.44
HO5' CFL B 1 5.94 8.51 2.44
P CFL B 3 -3.76 7.43 0.67
O1P CFL B 3 -4.17 7.73 2.06
O2P CFL B 3 -4.60 7.86 -0.47
O5' CFL B 3 -3.51 5.83 0.57
C5' CFL B 3 -4.58 4.88 0.56
C4' CFL B 3 -4.04 3.49 0.97
O4' CFL B 3 -2.99 3.07 0.10
C3' CFL B 3 -3.50 3.44 2.41
O3' CFL B 3 -4.21 2.51 3.23
C2' CFL B 3 -2.07 2.98 2.26
C1' CFL B 3 -2.05 2.33 0.87
N1 CFL B 3 -0.70 2.31 0.26
C2 CFL B 3 0.26 1.45 0.80
O2 CFL B 3 0.03 0.73 1.78
N3 CFL B 3 1.50 1.40 0.24
C4 CFL B 3 1.80 2.22 -0.77
N4 CFL B 3 3.02 2.15 -1.26
C5 CFL B 3 0.87 3.14 -1.33
C6 CFL B 3 -0.38 3.14 -0.80
F CFL B 3 -1.19 4.06 2.36
H5'1 CFL B 3 -5.01 4.83 -0.45
H5'2 CFL B 3 -5.34 5.17 1.28
H4' CFL B 3 -4.85 2.76 0.87
H3' CFL B 3 -3.51 4.45 2.85
H2' CFL B 3 -1.81 2.24 3.03
H1' CFL B 3 -2.43 1.31 0.99
HN41 CFL B 3 3.69 1.42 -1.01
HN42 CFL B 3 3.32 2.82 -1.92
H5 CFL B 3 1.11 3.80 -2.16
H6 CFL B 3 -1.14 3.80 -1.21
P CFL B 5 -10.91 -0.10 0.48
O1P CFL B 5 -10.77 -0.39 1.92
O2P CFL B 5 -12.24 0.03 -0.15
O5' CFL B 5 -10.04 -1.18 -0.34
C5' CFL B 5 -10.48 -2.51 -0.58
C4' CFL B 5 -9.33 -3.39 -1.12
O4' CFL B 5 -8.79 -2.81 -2.30
C3' CFL B 5 -8.15 -3.58 -0.13
O3' CFL B 5 -7.92 -4.96 0.15
C2' CFL B 5 -6.94 -3.02 -0.85
C1' CFL B 5 -7.40 -3.03 -2.31
N1 CFL B 5 -6.68 -2.05 -3.18
C2 CFL B 5 -5.33 -2.27 -3.45
O2 CFL B 5 -4.73 -3.26 -3.01
N3 CFL B 5 -4.64 -1.40 -4.23
C4 CFL B 5 -5.25 -0.31 -4.68
N4 CFL B 5 -4.53 0.51 -5.40
C5 CFL B 5 -6.62 -0.02 -4.42
C6 CFL B 5 -7.31 -0.92 -3.67
F CFL B 5 -6.63 -1.75 -0.39
H5'1 CFL B 5 -11.29 -2.50 -1.31
H5'2 CFL B 5 -10.85 -2.95 0.35
H4' CFL B 5 -9.73 -4.36 -1.38
H3' CFL B 5 -8.33 -3.00 0.78
H2' CFL B 5 -6.08 -3.67 -0.72
H1' CFL B 5 -7.21 -4.04 -2.69
HN41 CFL B 5 -3.55 0.29 -5.64
HN42 CFL B 5 -4.92 1.37 -5.71
H5 CFL B 5 -7.11 0.87 -4.78
H6 CFL B 5 -8.35 -0.77 -3.46
O5' CFL A 1 -0.26 -4.15 -9.46
C5' CFL A 1 0.28 -4.41 -8.16
C4' CFL A 1 -0.81 -4.65 -7.11
O4' CFL A 1 -1.65 -3.52 -7.06
C3' CFL A 1 -1.73 -5.86 -7.39
O3' CFL A 1 -1.79 -6.75 -6.27
C2' CFL A 1 -3.10 -5.23 -7.59
C1' CFL A 1 -2.95 -3.97 -6.75
N1 CFL A 1 -3.99 -2.94 -7.06
C2 CFL A 1 -5.32 -3.21 -6.75
O2 CFL A 1 -5.64 -4.23 -6.15
N3 CFL A 1 -6.29 -2.34 -7.10
C4 CFL A 1 -5.98 -1.23 -7.74
N4 CFL A 1 -6.97 -0.39 -7.95
C5 CFL A 1 -4.64 -0.89 -8.08
C6 CFL A 1 -3.67 -1.76 -7.71
F CFL A 1 -3.29 -4.91 -8.93
H5'1 CFL A 1 0.88 -3.55 -7.84
H5'2 CFL A 1 0.94 -5.29 -8.20
H4' CFL A 1 -0.35 -4.78 -6.13
H3' CFL A 1 -1.42 -6.39 -8.28
H2' CFL A 1 -3.90 -5.88 -7.22
H1' CFL A 1 -3.01 -4.27 -5.69
HN41 CFL A 1 -7.88 -0.66 -7.54
HN42 CFL A 1 -6.81 0.50 -8.34
H5 CFL A 1 -4.37 0.03 -8.59
H6 CFL A 1 -2.63 -1.53 -7.92
HO5' CFL A 1 -1.02 -3.57 -9.36
P CFL A 3 4.71 -6.28 -1.96
O1P CFL A 3 6.10 -5.85 -1.75
O2P CFL A 3 4.31 -7.68 -1.71
O5' CFL A 3 3.74 -5.33 -1.12
C5' CFL A 3 3.90 -5.11 0.27
C4' CFL A 3 2.72 -4.25 0.78
O4' CFL A 3 2.74 -3.03 0.08
C3' CFL A 3 1.34 -4.87 0.59
O3' CFL A 3 0.65 -5.08 1.83
C2' CFL A 3 0.56 -3.84 -0.22
C1' CFL A 3 1.42 -2.58 0.00
N1 CFL A 3 1.26 -1.57 -1.06
C2 CFL A 3 0.01 -0.99 -1.22
O2 CFL A 3 -0.94 -1.32 -0.51
N3 CFL A 3 -0.18 -0.03 -2.14
C4 CFL A 3 0.82 0.35 -2.92
N4 CFL A 3 0.50 1.27 -3.79
C5 CFL A 3 2.12 -0.24 -2.84
C6 CFL A 3 2.31 -1.16 -1.87
F CFL A 3 0.45 -4.23 -1.54
H5'1 CFL A 3 4.83 -4.57 0.43
H5'2 CFL A 3 3.91 -6.06 0.81
H4' CFL A 3 2.87 -4.02 1.83
H3' CFL A 3 1.40 -5.81 0.01
H2' CFL A 3 -0.43 -3.70 0.21
H1' CFL A 3 1.12 -2.15 0.96
HN41 CFL A 3 -0.40 1.76 -3.75
HN42 CFL A 3 1.07 1.42 -4.58
H5 CFL A 3 2.94 0.07 -3.47
H6 CFL A 3 3.28 -1.61 -1.73
P CFL A 5 5.41 -5.10 7.66
O1P CFL A 5 6.67 -5.30 8.41
O2P CFL A 5 4.19 -5.87 8.00
O5' CFL A 5 5.04 -3.54 7.66
C5' CFL A 5 4.84 -2.80 8.84
C4' CFL A 5 4.22 -1.43 8.48
O4' CFL A 5 5.10 -0.80 7.56
C3' CFL A 5 2.83 -1.49 7.82
O3' CFL A 5 1.83 -0.89 8.64
C2' CFL A 5 2.97 -0.70 6.52
C1' CFL A 5 4.32 0.02 6.72
N1 CFL A 5 5.06 0.34 5.46
C2 CFL A 5 4.49 1.27 4.61
O2 CFL A 5 3.41 1.81 4.87
N3 CFL A 5 5.11 1.59 3.45
C4 CFL A 5 6.27 1.03 3.15
N4 CFL A 5 6.75 1.40 1.99
C5 CFL A 5 6.91 0.07 4.00
C6 CFL A 5 6.28 -0.23 5.16
F CFL A 5 2.94 -1.53 5.42
H5'1 CFL A 5 5.81 -2.65 9.31
H5'2 CFL A 5 4.17 -3.32 9.52
H4' CFL A 5 4.19 -0.80 9.36
H3' CFL A 5 2.57 -2.53 7.58
H2' CFL A 5 2.18 0.05 6.44
H1' CFL A 5 4.09 0.95 7.24
HN41 CFL A 5 6.28 2.14 1.47
HN42 CFL A 5 7.56 0.96 1.62
H5 CFL A 5 7.87 -0.37 3.75
H6 CFL A 5 6.74 -0.91 5.86
O5' CFL B 1 5.29 9.13 2.40
C5' CFL B 1 3.99 8.64 2.15
C4' CFL B 1 3.63 7.47 3.08
O4' CFL B 1 4.56 6.44 2.81
C3' CFL B 1 3.73 7.78 4.59
O3' CFL B 1 2.53 7.46 5.31
C2' CFL B 1 4.86 6.87 5.07
C1' CFL B 1 4.77 5.76 4.03
N1 CFL B 1 5.99 4.88 4.02
C2 CFL B 1 6.19 4.05 5.12
O2 CFL B 1 5.36 3.96 6.01
N3 CFL B 1 7.31 3.32 5.23
C4 CFL B 1 8.23 3.37 4.27
N4 CFL B 1 9.24 2.57 4.46
C5 CFL B 1 8.07 4.19 3.11
C6 CFL B 1 6.92 4.92 3.02
F CFL B 1 6.07 7.54 4.98
H5'1 CFL B 1 3.93 8.27 1.12
H5'2 CFL B 1 3.24 9.44 2.27
H4' CFL B 1 2.63 7.10 2.85
H3' CFL B 1 4.01 8.83 4.75
H2' CFL B 1 4.69 6.49 6.09
H1' CFL B 1 3.89 5.16 4.29
HN41 CFL B 1 9.20 1.98 5.30
HN42 CFL B 1 9.96 2.49 3.78
H5 CFL B 1 8.79 4.23 2.31
H6 CFL B 1 6.73 5.53 2.14
HO5' CFL B 1 5.87 8.37 2.58
P CFL B 3 -3.79 7.02 0.81
O1P CFL B 3 -4.15 7.27 2.22
O2P CFL B 3 -4.67 7.49 -0.28
O5' CFL B 3 -3.55 5.45 0.62
C5' CFL B 3 -4.61 4.53 0.46
C4' CFL B 3 -4.13 3.11 0.76
O4' CFL B 3 -3.04 2.82 -0.08
C3' CFL B 3 -3.67 2.92 2.22
O3' CFL B 3 -4.35 1.85 2.88
C2' CFL B 3 -2.20 2.57 2.11
C1' CFL B 3 -2.08 2.11 0.65
N1 CFL B 3 -0.72 2.29 0.08
C2 CFL B 3 0.31 1.52 0.62
O2 CFL B 3 0.11 0.72 1.54
N3 CFL B 3 1.55 1.59 0.11
C4 CFL B 3 1.81 2.44 -0.86
N4 CFL B 3 3.03 2.39 -1.35
C5 CFL B 3 0.82 3.30 -1.43
C6 CFL B 3 -0.45 3.17 -0.94
F CFL B 3 -1.40 3.67 2.39
H5'1 CFL B 3 -4.98 4.58 -0.57
H5'2 CFL B 3 -5.44 4.78 1.14
H4' CFL B 3 -4.92 2.39 0.54
H3' CFL B 3 -3.78 3.86 2.78
H2' CFL B 3 -1.94 1.75 2.79
H1' CFL B 3 -2.34 1.04 0.63
HN41 CFL B 3 3.71 1.68 -1.07
HN42 CFL B 3 3.30 3.06 -2.03
H5 CFL B 3 1.01 3.99 -2.23
H6 CFL B 3 -1.25 3.76 -1.35
P CFL B 5 -11.10 0.03 -0.48
O1P CFL B 5 -11.08 -0.37 0.93
O2P CFL B 5 -12.38 0.32 -1.17
O5' CFL B 5 -10.27 -1.07 -1.34
C5' CFL B 5 -10.77 -2.38 -1.60
C4' CFL B 5 -9.61 -3.32 -1.99
O4' CFL B 5 -8.90 -2.73 -3.07
C3' CFL B 5 -8.61 -3.55 -0.84
O3' CFL B 5 -8.54 -4.94 -0.47
C2' CFL B 5 -7.27 -3.07 -1.39
C1' CFL B 5 -7.52 -2.97 -2.90
N1 CFL B 5 -6.73 -1.91 -3.60
C2 CFL B 5 -5.34 -2.07 -3.71
O2 CFL B 5 -4.76 -3.04 -3.22
N3 CFL B 5 -4.59 -1.15 -4.37
C4 CFL B 5 -5.18 -0.06 -4.84
N4 CFL B 5 -4.38 0.79 -5.45
C5 CFL B 5 -6.57 0.18 -4.75
C6 CFL B 5 -7.32 -0.79 -4.15
F CFL B 5 -6.91 -1.86 -0.82
H5'1 CFL B 5 -11.48 -2.32 -2.43
H5'2 CFL B 5 -11.27 -2.78 -0.72
H4' CFL B 5 -10.00 -4.27 -2.33
H3' CFL B 5 -8.89 -2.93 0.01
H2' CFL B 5 -6.48 -3.82 -1.20
H1' CFL B 5 -7.26 -3.94 -3.33
HN41 CFL B 5 -3.40 0.57 -5.60
HN42 CFL B 5 -4.76 1.66 -5.78
H5 CFL B 5 -7.05 1.05 -5.15
H6 CFL B 5 -8.40 -0.68 -4.10
O5' CFL A 1 -0.47 -4.26 -9.96
C5' CFL A 1 0.16 -4.50 -8.70
C4' CFL A 1 -0.84 -4.87 -7.60
O4' CFL A 1 -1.73 -3.78 -7.44
C3' CFL A 1 -1.70 -6.11 -7.90
O3' CFL A 1 -1.52 -7.12 -6.90
C2' CFL A 1 -3.13 -5.59 -7.88
C1' CFL A 1 -2.97 -4.32 -7.03
N1 CFL A 1 -4.10 -3.36 -7.20
C2 CFL A 1 -5.34 -3.70 -6.69
O2 CFL A 1 -5.51 -4.74 -6.04
N3 CFL A 1 -6.41 -2.90 -6.89
C4 CFL A 1 -6.26 -1.79 -7.59
N4 CFL A 1 -7.33 -1.04 -7.72
C5 CFL A 1 -5.01 -1.37 -8.13
C6 CFL A 1 -3.94 -2.19 -7.91
F CFL A 1 -3.53 -5.26 -9.16
H5'1 CFL A 1 0.70 -3.61 -8.40
H5'2 CFL A 1 0.88 -5.32 -8.81
H4' CFL A 1 -0.32 -5.00 -6.66
H3' CFL A 1 -1.48 -6.51 -8.89
H2' CFL A 1 -3.82 -6.30 -7.41
H1' CFL A 1 -2.91 -4.64 -5.98
HN41 CFL A 1 -8.18 -1.37 -7.24
HN42 CFL A 1 -7.30 -0.17 -8.20
H5 CFL A 1 -4.88 -0.46 -8.69
H6 CFL A 1 -2.97 -1.92 -8.29
HO5' CFL A 1 -1.23 -3.69 -9.83
P CFL A 3 4.71 -6.35 -2.42
O1P CFL A 3 6.17 -6.24 -2.23
O2P CFL A 3 4.01 -7.64 -2.25
O5' CFL A 3 3.99 -5.25 -1.48
C5' CFL A 3 4.22 -5.17 -0.09
C4' CFL A 3 3.06 -4.43 0.59
O4' CFL A 3 2.94 -3.13 0.04
C3' CFL A 3 1.70 -5.13 0.43
O3' CFL A 3 1.10 -5.44 1.68
C2' CFL A 3 0.82 -4.12 -0.30
C1' CFL A 3 1.57 -2.81 -0.02
N1 CFL A 3 1.30 -1.77 -1.04
C2 CFL A 3 0.03 -1.20 -1.06
O2 CFL A 3 -0.82 -1.48 -0.22
N3 CFL A 3 -0.29 -0.29 -2.02
C4 CFL A 3 0.61 0.05 -2.91
N4 CFL A 3 0.24 0.94 -3.79
C5 CFL A 3 1.93 -0.48 -2.92
C6 CFL A 3 2.25 -1.38 -1.96
F CFL A 3 0.74 -4.41 -1.65
H5'1 CFL A 3 5.16 -4.63 0.10
H5'2 CFL A 3 4.29 -6.17 0.35
H4' CFL A 3 3.28 -4.30 1.65
H3' CFL A 3 1.80 -6.04 -0.19
H2' CFL A 3 -0.18 -4.09 0.12
H1' CFL A 3 1.24 -2.47 0.98
HN41 CFL A 3 -0.65 1.45 -3.73
HN42 CFL A 3 0.82 1.14 -4.57
H5 CFL A 3 2.69 -0.18 -3.64
H6 CFL A 3 3.24 -1.80 -1.90
P CFL A 5 5.71 -4.89 7.87
O1P CFL A 5 6.97 -5.10 8.61
O2P CFL A 5 4.49 -5.62 8.22
O5' CFL A 5 5.37 -3.31 7.89
C5' CFL A 5 5.10 -2.61 9.09
C4' CFL A 5 4.36 -1.28 8.80
O4' CFL A 5 5.16 -0.49 7.94
C3' CFL A 5 2.99 -1.46 8.13
O3' CFL A 5 1.91 -0.96 8.94
C2' CFL A 5 3.07 -0.65 6.84
C1' CFL A 5 4.33 0.20 7.04
N1 CFL A 5 5.05 0.50 5.78
C2 CFL A 5 4.45 1.37 4.87
O2 CFL A 5 3.35 1.89 5.11
N3 CFL A 5 5.05 1.66 3.70
C4 CFL A 5 6.19 1.09 3.41
N4 CFL A 5 6.70 1.42 2.24
C5 CFL A 5 6.87 0.19 4.28
C6 CFL A 5 6.26 -0.06 5.47
F CFL A 5 3.13 -1.48 5.73
H5'1 CFL A 5 6.04 -2.39 9.60
H5'2 CFL A 5 4.46 -3.22 9.74
H4' CFL A 5 4.23 -0.73 9.72
H3' CFL A 5 2.82 -2.52 7.87
H2' CFL A 5 2.19 0.00 6.74
H1' CFL A 5 3.99 1.13 7.50
HN41 CFL A 5 6.24 2.13 1.67
HN42 CFL A 5 7.54 0.99 1.93
H5 CFL A 5 7.81 -0.27 4.04
H6 CFL A 5 6.74 -0.74 6.20
O5' CFL B 1 5.52 9.14 2.25
C5' CFL B 1 4.18 8.70 2.06
C4' CFL B 1 3.75 7.65 3.11
O4' CFL B 1 4.61 6.52 2.99
C3' CFL B 1 3.86 8.14 4.56
O3' CFL B 1 2.58 8.11 5.23
C2' CFL B 1 4.83 7.17 5.21
C1' CFL B 1 4.72 5.97 4.29
N1 CFL B 1 5.89 5.04 4.40
C2 CFL B 1 6.02 4.28 5.56
O2 CFL B 1 5.15 4.30 6.43
N3 CFL B 1 7.11 3.51 5.76
C4 CFL B 1 8.05 3.48 4.84
N4 CFL B 1 9.08 2.70 5.09
C5 CFL B 1 7.97 4.22 3.62
C6 CFL B 1 6.86 4.98 3.43
F CFL B 1 6.10 7.72 5.17
H5'1 CFL B 1 4.08 8.23 1.07
H5'2 CFL B 1 3.49 9.54 2.12
H4' CFL B 1 2.74 7.32 2.91
H3' CFL B 1 4.27 9.15 4.61
H2' CFL B 1 4.55 6.94 6.24
H1' CFL B 1 3.80 5.43 4.56
HN41 CFL B 1 9.05 2.16 5.97
HN42 CFL B 1 9.82 2.60 4.43
H5 CFL B 1 8.73 4.17 2.85
H6 CFL B 1 6.74 5.54 2.52
HO5' CFL B 1 6.07 8.38 2.46
P CFL B 3 -3.64 7.34 0.79
O1P CFL B 3 -3.93 7.65 2.20
O2P CFL B 3 -4.55 7.80 -0.29
O5' CFL B 3 -3.44 5.75 0.64
C5' CFL B 3 -4.53 4.84 0.58
C4' CFL B 3 -4.05 3.45 0.98
O4' CFL B 3 -3.01 3.03 0.10
C3' CFL B 3 -3.49 3.37 2.42
O3' CFL B 3 -4.20 2.39 3.21
C2' CFL B 3 -2.06 2.91 2.25
C1' CFL B 3 -2.08 2.29 0.85
N1 CFL B 3 -0.74 2.26 0.21
C2 CFL B 3 0.23 1.43 0.76
O2 CFL B 3 -0.02 0.66 1.70
N3 CFL B 3 1.49 1.42 0.25
C4 CFL B 3 1.79 2.23 -0.74
N4 CFL B 3 3.01 2.18 -1.20
C5 CFL B 3 0.84 3.12 -1.32
C6 CFL B 3 -0.43 3.10 -0.83
F CFL B 3 -1.17 3.96 2.35
H5'1 CFL B 3 -4.92 4.82 -0.43
H5'2 CFL B 3 -5.31 5.15 1.28
H4' CFL B 3 -4.86 2.73 0.86
H3' CFL B 3 -3.51 4.35 2.88
H2' CFL B 3 -1.80 2.15 2.99
H1' CFL B 3 -2.47 1.27 0.93
HN41 CFL B 3 3.68 1.46 -0.94
HN42 CFL B 3 3.29 2.84 -1.88
H5 CFL B 3 1.09 3.79 -2.14
H6 CFL B 3 -1.19 3.76 -1.24
P CFL B 5 -10.73 -0.47 0.38
O1P CFL B 5 -10.46 -0.89 1.77
O2P CFL B 5 -12.11 -0.33 -0.12
O5' CFL B 5 -9.92 -1.46 -0.60
C5' CFL B 5 -10.36 -2.78 -0.85
C4' CFL B 5 -9.20 -3.65 -1.35
O4' CFL B 5 -8.69 -3.09 -2.55
C3' CFL B 5 -8.03 -3.79 -0.35
O3' CFL B 5 -7.76 -5.17 -0.04
C2' CFL B 5 -6.82 -3.21 -1.08
C1' CFL B 5 -7.28 -3.22 -2.55
N1 CFL B 5 -6.65 -2.16 -3.37
C2 CFL B 5 -5.30 -2.29 -3.67
O2 CFL B 5 -4.65 -3.26 -3.28
N3 CFL B 5 -4.66 -1.34 -4.38
C4 CFL B 5 -5.32 -0.27 -4.77
N4 CFL B 5 -4.62 0.61 -5.44
C5 CFL B 5 -6.71 -0.07 -4.50
C6 CFL B 5 -7.35 -1.06 -3.81
F CFL B 5 -6.54 -1.94 -0.61
H5'1 CFL B 5 -11.14 -2.76 -1.60
H5'2 CFL B 5 -10.75 -3.23 0.06
H4' CFL B 5 -9.58 -4.64 -1.60
H3' CFL B 5 -8.23 -3.21 0.54
H2' CFL B 5 -5.95 -3.84 -0.96
H1' CFL B 5 -7.00 -4.21 -2.94
HN41 CFL B 5 -3.64 0.39 -5.67
HN42 CFL B 5 -5.01 1.47 -5.71
H5 CFL B 5 -7.26 0.80 -4.83
H6 CFL B 5 -8.40 -0.98 -3.59
O5' CFL A 1 -0.11 -4.46 -9.74
C5' CFL A 1 0.38 -4.66 -8.42
C4' CFL A 1 -0.74 -4.89 -7.38
O4' CFL A 1 -1.59 -3.76 -7.34
C3' CFL A 1 -1.64 -6.11 -7.68
O3' CFL A 1 -1.59 -7.07 -6.62
C2' CFL A 1 -3.04 -5.51 -7.78
C1' CFL A 1 -2.88 -4.21 -6.97
N1 CFL A 1 -3.94 -3.21 -7.27
C2 CFL A 1 -5.24 -3.46 -6.83
O2 CFL A 1 -5.53 -4.48 -6.19
N3 CFL A 1 -6.24 -2.58 -7.10
C4 CFL A 1 -5.97 -1.49 -7.79
N4 CFL A 1 -6.97 -0.66 -7.98
C5 CFL A 1 -4.66 -1.19 -8.28
C6 CFL A 1 -3.67 -2.07 -7.98
F CFL A 1 -3.34 -5.23 -9.10
H5'1 CFL A 1 0.95 -3.78 -8.10
H5'2 CFL A 1 1.05 -5.52 -8.41
H4' CFL A 1 -0.29 -5.02 -6.41
H3' CFL A 1 -1.38 -6.57 -8.63
H2' CFL A 1 -3.79 -6.18 -7.34
H1' CFL A 1 -2.90 -4.49 -5.92
HN41 CFL A 1 -7.86 -0.89 -7.53
HN42 CFL A 1 -6.83 0.20 -8.47
H5 CFL A 1 -4.44 -0.29 -8.84
H6 CFL A 1 -2.66 -1.87 -8.30
HO5' CFL A 1 -0.80 -3.78 -9.71
P CFL A 3 4.53 -6.53 -1.96
O1P CFL A 3 5.99 -6.49 -1.69
O2P CFL A 3 3.79 -7.79 -1.80
O5' CFL A 3 3.80 -5.39 -1.11
C5' CFL A 3 4.05 -5.17 0.27
C4' CFL A 3 2.93 -4.31 0.86
O4' CFL A 3 2.87 -3.06 0.17
C3' CFL A 3 1.54 -4.98 0.74
O3' CFL A 3 0.93 -5.18 2.02
C2' CFL A 3 0.72 -3.99 -0.09
C1' CFL A 3 1.50 -2.69 0.07
N1 CFL A 3 1.29 -1.72 -1.04
C2 CFL A 3 0.03 -1.14 -1.17
O2 CFL A 3 -0.90 -1.43 -0.41
N3 CFL A 3 -0.21 -0.22 -2.12
C4 CFL A 3 0.75 0.11 -2.96
N4 CFL A 3 0.42 1.01 -3.85
C5 CFL A 3 2.05 -0.46 -2.91
C6 CFL A 3 2.30 -1.36 -1.92
F CFL A 3 0.64 -4.41 -1.41
H5'1 CFL A 3 5.01 -4.66 0.39
H5'2 CFL A 3 4.08 -6.12 0.80
H4' CFL A 3 3.14 -4.09 1.90
H3' CFL A 3 1.62 -5.91 0.19
H2' CFL A 3 -0.28 -3.89 0.33
H1' CFL A 3 1.18 -2.24 1.01
HN41 CFL A 3 -0.46 1.52 -3.80
HN42 CFL A 3 1.01 1.18 -4.62
H5 CFL A 3 2.84 -0.19 -3.59
H6 CFL A 3 3.28 -1.81 -1.81
P CFL A 5 6.08 -4.86 7.85
O1P CFL A 5 7.43 -5.03 8.45
O2P CFL A 5 4.93 -5.65 8.35
O5' CFL A 5 5.69 -3.30 7.89
C5' CFL A 5 5.61 -2.55 9.08
C4' CFL A 5 4.92 -1.20 8.82
O4' CFL A 5 5.63 -0.50 7.82
C3' CFL A 5 3.45 -1.32 8.36
O3' CFL A 5 2.54 -0.71 9.29
C2' CFL A 5 3.40 -0.59 7.02
C1' CFL A 5 4.71 0.22 7.02
N1 CFL A 5 5.27 0.51 5.67
C2 CFL A 5 4.58 1.40 4.83
O2 CFL A 5 3.54 1.93 5.19
N3 CFL A 5 5.07 1.71 3.61
C4 CFL A 5 6.19 1.14 3.20
N4 CFL A 5 6.60 1.49 2.00
C5 CFL A 5 6.93 0.22 4.00
C6 CFL A 5 6.45 -0.05 5.24
F CFL A 5 3.34 -1.49 5.98
H5'1 CFL A 5 6.61 -2.38 9.47
H5'2 CFL A 5 5.03 -3.10 9.84
H4' CFL A 5 4.95 -0.60 9.72
H3' CFL A 5 3.19 -2.37 8.20
H2' CFL A 5 2.55 0.08 6.97
H1' CFL A 5 4.47 1.17 7.52
HN41 CFL A 5 6.11 2.22 1.48
HN42 CFL A 5 7.41 1.05 1.62
H5 CFL A 5 7.85 -0.23 3.67
H6 CFL A 5 6.99 -0.72 5.90
O5' CFL B 1 5.03 9.32 2.46
C5' CFL B 1 3.77 8.71 2.26
C4' CFL B 1 3.49 7.54 3.22
O4' CFL B 1 4.44 6.51 2.96
C3' CFL B 1 3.60 7.90 4.71
O3' CFL B 1 2.43 7.50 5.44
C2' CFL B 1 4.79 7.07 5.19
C1' CFL B 1 4.71 5.90 4.22
N1 CFL B 1 5.94 5.06 4.21
C2 CFL B 1 6.22 4.28 5.34
O2 CFL B 1 5.48 4.27 6.31
N3 CFL B 1 7.34 3.52 5.39
C4 CFL B 1 8.17 3.52 4.36
N4 CFL B 1 9.19 2.71 4.46
C5 CFL B 1 7.93 4.30 3.18
C6 CFL B 1 6.80 5.04 3.14
F CFL B 1 5.96 7.79 5.01
H5'1 CFL B 1 3.70 8.33 1.23
H5'2 CFL B 1 2.97 9.46 2.38
H4' CFL B 1 2.50 7.15 3.01
H3' CFL B 1 3.81 8.97 4.85
H2' CFL B 1 4.66 6.77 6.23
H1' CFL B 1 3.85 5.29 4.53
HN41 CFL B 1 9.24 2.13 5.30
HN42 CFL B 1 9.85 2.63 3.71
H5 CFL B 1 8.59 4.27 2.33
H6 CFL B 1 6.57 5.62 2.24
HO5' CFL B 1 5.70 8.63 2.52
P CFL B 3 -3.92 7.25 0.71
O1P CFL B 3 -4.36 7.34 2.12
O2P CFL B 3 -4.72 7.85 -0.37
O5' CFL B 3 -3.64 5.70 0.37
C5' CFL B 3 -4.67 4.73 0.36
C4' CFL B 3 -4.12 3.36 0.80
O4' CFL B 3 -3.03 3.00 -0.02
C3' CFL B 3 -3.63 3.35 2.26
O3' CFL B 3 -4.43 2.52 3.12
C2' CFL B 3 -2.21 2.80 2.18
C1' CFL B 3 -2.11 2.26 0.75
N1 CFL B 3 -0.74 2.36 0.16
C2 CFL B 3 0.27 1.56 0.70
O2 CFL B 3 0.07 0.84 1.68
N3 CFL B 3 1.51 1.55 0.17
C4 CFL B 3 1.77 2.34 -0.85
N4 CFL B 3 2.99 2.26 -1.34
C5 CFL B 3 0.81 3.23 -1.42
C6 CFL B 3 -0.45 3.19 -0.91
F CFL B 3 -1.30 3.83 2.42
H5'1 CFL B 3 -5.07 4.65 -0.65
H5'2 CFL B 3 -5.48 5.02 1.05
H4' CFL B 3 -4.89 2.60 0.69
H3' CFL B 3 -3.60 4.37 2.65
H2' CFL B 3 -2.05 2.00 2.90
H1' CFL B 3 -2.42 1.21 0.77
HN41 CFL B 3 3.64 1.52 -1.05
HN42 CFL B 3 3.29 2.90 -2.02
H5 CFL B 3 1.02 3.87 -2.26
H6 CFL B 3 -1.23 3.81 -1.32
P CFL B 5 -11.03 0.21 -0.12
O1P CFL B 5 -11.02 -0.15 1.32
O2P CFL B 5 -12.30 0.45 -0.84
O5' CFL B 5 -10.17 -0.90 -0.92
C5' CFL B 5 -10.66 -2.20 -1.23
C4' CFL B 5 -9.51 -3.12 -1.67
O4' CFL B 5 -8.86 -2.56 -2.81
C3' CFL B 5 -8.45 -3.36 -0.59
O3' CFL B 5 -8.38 -4.74 -0.19
C2' CFL B 5 -7.13 -2.93 -1.24
C1' CFL B 5 -7.48 -2.85 -2.74
N1 CFL B 5 -6.69 -1.84 -3.52
C2 CFL B 5 -5.33 -2.09 -3.74
O2 CFL B 5 -4.79 -3.09 -3.31
N3 CFL B 5 -4.58 -1.22 -4.47
C4 CFL B 5 -5.15 -0.12 -4.93
N4 CFL B 5 -4.37 0.68 -5.60
C5 CFL B 5 -6.53 0.19 -4.74
C6 CFL B 5 -7.28 -0.70 -4.03
F CFL B 5 -6.72 -1.71 -0.73
H5'1 CFL B 5 -11.40 -2.11 -2.02
H5'2 CFL B 5 -11.14 -2.63 -0.35
H4' CFL B 5 -9.93 -4.08 -1.98
H3' CFL B 5 -8.64 -2.72 0.26
H2' CFL B 5 -6.35 -3.67 -1.08
H1' CFL B 5 -7.30 -3.83 -3.14
HN41 CFL B 5 -3.40 0.42 -5.79
HN42 CFL B 5 -4.72 1.56 -5.91
H5 CFL B 5 -6.99 1.08 -5.13
H6 CFL B 5 -8.34 -0.53 -3.89
O5' CFL A 1 -0.10 -4.31 -9.98
C5' CFL A 1 0.55 -4.50 -8.73
C4' CFL A 1 -0.45 -4.88 -7.61
O4' CFL A 1 -1.35 -3.80 -7.43
C3' CFL A 1 -1.30 -6.13 -7.91
O3' CFL A 1 -1.06 -7.17 -6.95
C2' CFL A 1 -2.73 -5.62 -7.81
C1' CFL A 1 -2.56 -4.36 -6.96
N1 CFL A 1 -3.71 -3.42 -7.09
C2 CFL A 1 -4.93 -3.77 -6.50
O2 CFL A 1 -5.04 -4.79 -5.82
N3 CFL A 1 -6.02 -3.00 -6.68
C4 CFL A 1 -5.94 -1.90 -7.42
N4 CFL A 1 -7.03 -1.19 -7.54
C5 CFL A 1 -4.72 -1.48 -8.02
C6 CFL A 1 -3.62 -2.26 -7.83
F CFL A 1 -3.20 -5.31 -9.07
H5'1 CFL A 1 1.05 -3.57 -8.44
H5'2 CFL A 1 1.30 -5.29 -8.81
H4' CFL A 1 0.08 -5.01 -6.68
H3' CFL A 1 -1.12 -6.49 -8.92
H2' CFL A 1 -3.39 -6.36 -7.32
H1' CFL A 1 -2.45 -4.69 -5.92
HN41 CFL A 1 -7.86 -1.53 -7.04
HN42 CFL A 1 -7.03 -0.35 -8.06
H5 CFL A 1 -4.63 -0.57 -8.60
H6 CFL A 1 -2.67 -1.98 -8.25
HO5' CFL A 1 -0.88 -3.75 -9.85
P CFL A 3 4.68 -6.46 -2.24
O1P CFL A 3 6.12 -6.52 -1.91
O2P CFL A 3 3.84 -7.67 -2.21
O5' CFL A 3 3.99 -5.34 -1.33
C5' CFL A 3 4.25 -5.19 0.06
C4' CFL A 3 3.11 -4.41 0.70
O4' CFL A 3 3.00 -3.13 0.10
C3' CFL A 3 1.74 -5.11 0.56
O3' CFL A 3 1.14 -5.40 1.83
C2' CFL A 3 0.88 -4.13 -0.22
C1' CFL A 3 1.62 -2.80 0.02
N1 CFL A 3 1.37 -1.79 -1.04
C2 CFL A 3 0.09 -1.24 -1.12
O2 CFL A 3 -0.81 -1.58 -0.36
N3 CFL A 3 -0.20 -0.32 -2.07
C4 CFL A 3 0.73 0.04 -2.93
N4 CFL A 3 0.37 0.97 -3.79
C5 CFL A 3 2.05 -0.49 -2.91
C6 CFL A 3 2.34 -1.40 -1.94
F CFL A 3 0.82 -4.47 -1.56
H5'1 CFL A 3 5.19 -4.66 0.20
H5'2 CFL A 3 4.32 -6.17 0.52
H4' CFL A 3 3.33 -4.26 1.76
H3' CFL A 3 1.85 -6.03 -0.03
H2' CFL A 3 -0.12 -4.09 0.19
H1' CFL A 3 1.28 -2.43 0.98
HN41 CFL A 3 -0.52 1.45 -3.72
HN42 CFL A 3 0.97 1.20 -4.54
H5 CFL A 3 2.82 -0.19 -3.62
H6 CFL A 3 3.33 -1.83 -1.87
P CFL A 5 5.83 -4.82 7.97
O1P CFL A 5 7.10 -5.05 8.70
O2P CFL A 5 4.61 -5.57 8.35
O5' CFL A 5 5.48 -3.25 8.00
C5' CFL A 5 5.51 -2.46 9.19
C4' CFL A 5 4.87 -1.09 8.94
O4' CFL A 5 5.57 -0.41 7.91
C3' CFL A 5 3.39 -1.19 8.51
O3' CFL A 5 2.53 -0.50 9.45
C2' CFL A 5 3.34 -0.52 7.14
C1' CFL A 5 4.63 0.30 7.10
N1 CFL A 5 5.19 0.55 5.74
C2 CFL A 5 4.50 1.41 4.88
O2 CFL A 5 3.44 1.93 5.21
N3 CFL A 5 5.00 1.71 3.65
C4 CFL A 5 6.12 1.14 3.27
N4 CFL A 5 6.55 1.47 2.08
C5 CFL A 5 6.87 0.25 4.09
C6 CFL A 5 6.38 -0.01 5.32
F CFL A 5 3.30 -1.48 6.15
H5'1 CFL A 5 6.55 -2.33 9.51
H5'2 CFL A 5 4.95 -2.97 9.98
H4' CFL A 5 4.94 -0.49 9.84
H3' CFL A 5 3.09 -2.23 8.41
H2' CFL A 5 2.47 0.14 7.05
H1' CFL A 5 4.41 1.25 7.58
HN41 CFL A 5 6.07 2.18 1.52
HN42 CFL A 5 7.37 1.02 1.70
H5 CFL A 5 7.80 -0.20 3.77
H6 CFL A 5 6.93 -0.66 6.00
O5' CFL B 1 5.18 9.23 2.13
C5' CFL B 1 3.88 8.66 2.02
C4' CFL B 1 3.60 7.59 3.08
O4' CFL B 1 4.49 6.50 2.91
C3' CFL B 1 3.76 8.06 4.54
O3' CFL B 1 2.53 7.90 5.27
C2' CFL B 1 4.85 7.15 5.11
C1' CFL B 1 4.71 5.94 4.20
N1 CFL B 1 5.92 5.05 4.23
C2 CFL B 1 6.17 4.30 5.38
O2 CFL B 1 5.42 4.32 6.36
N3 CFL B 1 7.29 3.53 5.45
C4 CFL B 1 8.12 3.48 4.44
N4 CFL B 1 9.15 2.68 4.55
C5 CFL B 1 7.91 4.23 3.24
C6 CFL B 1 6.80 4.99 3.16
F CFL B 1 6.09 7.75 4.95
H5'1 CFL B 1 3.77 8.20 1.03
H5'2 CFL B 1 3.12 9.45 2.11
H4' CFL B 1 2.59 7.20 2.94
H3' CFL B 1 4.09 9.09 4.58
H2' CFL B 1 4.66 6.90 6.16
H1' CFL B 1 3.83 5.38 4.52
HN41 CFL B 1 9.19 2.11 5.40
HN42 CFL B 1 9.81 2.59 3.81
H5 CFL B 1 8.59 4.19 2.39
H6 CFL B 1 6.59 5.56 2.27
HO5' CFL B 1 5.83 8.52 2.22
P CFL B 3 -3.88 7.29 0.91
O1P CFL B 3 -4.22 7.58 2.32
O2P CFL B 3 -4.77 7.72 -0.18
O5' CFL B 3 -3.61 5.71 0.78
C5' CFL B 3 -4.66 4.75 0.68
C4' CFL B 3 -4.12 3.36 1.04
O4' CFL B 3 -3.06 3.03 0.15
C3' CFL B 3 -3.58 3.27 2.48
O3' CFL B 3 -4.29 2.30 3.27
C2' CFL B 3 -2.13 2.83 2.31
C1' CFL B 3 -2.11 2.27 0.88
N1 CFL B 3 -0.76 2.33 0.23
C2 CFL B 3 0.24 1.51 0.74
O2 CFL B 3 0.04 0.76 1.69
N3 CFL B 3 1.47 1.49 0.18
C4 CFL B 3 1.73 2.30 -0.82
N4 CFL B 3 2.94 2.21 -1.31
C5 CFL B 3 0.76 3.19 -1.37
C6 CFL B 3 -0.48 3.16 -0.83
F CFL B 3 -1.29 3.91 2.45
H5'1 CFL B 3 -5.05 4.74 -0.33
H5'2 CFL B 3 -5.46 4.99 1.39
H4' CFL B 3 -4.90 2.62 0.89
H3' CFL B 3 -3.60 4.25 2.95
H2' CFL B 3 -1.87 2.05 3.02
H1' CFL B 3 -2.44 1.23 0.94
HN41 CFL B 3 3.60 1.49 -1.02
HN42 CFL B 3 3.25 2.87 -1.98
H5 CFL B 3 0.97 3.84 -2.21
H6 CFL B 3 -1.27 3.80 -1.22
P CFL B 5 -10.86 -0.19 0.21
O1P CFL B 5 -10.84 -0.48 1.66
O2P CFL B 5 -12.15 -0.08 -0.51
O5' CFL B 5 -9.92 -1.27 -0.54
C5' CFL B 5 -10.20 -2.66 -0.56
C4' CFL B 5 -8.93 -3.46 -0.92
O4' CFL B 5 -8.42 -2.98 -2.15
C3' CFL B 5 -7.81 -3.37 0.12
O3' CFL B 5 -7.58 -4.62 0.79
C2' CFL B 5 -6.56 -2.98 -0.67
C1' CFL B 5 -7.01 -3.12 -2.13
N1 CFL B 5 -6.38 -2.14 -3.07
C2 CFL B 5 -5.03 -2.30 -3.38
O2 CFL B 5 -4.38 -3.24 -2.95
N3 CFL B 5 -4.40 -1.41 -4.18
C4 CFL B 5 -5.08 -0.37 -4.64
N4 CFL B 5 -4.40 0.48 -5.38
C5 CFL B 5 -6.45 -0.16 -4.38
C6 CFL B 5 -7.08 -1.07 -3.59
F CFL B 5 -6.16 -1.70 -0.34
H5'1 CFL B 5 -10.99 -2.85 -1.30
H5'2 CFL B 5 -10.55 -2.99 0.42
H4' CFL B 5 -9.20 -4.51 -1.08
H3' CFL B 5 -8.03 -2.58 0.84
H2' CFL B 5 -5.74 -3.67 -0.48
H1' CFL B 5 -6.74 -4.13 -2.44
HN41 CFL B 5 -3.42 0.29 -5.62
HN42 CFL B 5 -4.84 1.30 -5.71
H5 CFL B 5 -7.01 0.68 -4.77
H6 CFL B 5 -8.14 -0.98 -3.37
O5' CFL A 1 0.01 -4.69 -9.77
C5' CFL A 1 0.39 -4.83 -8.40
C4' CFL A 1 -0.81 -4.89 -7.45
O4' CFL A 1 -1.55 -3.68 -7.54
C3' CFL A 1 -1.81 -6.04 -7.75
O3' CFL A 1 -1.96 -6.88 -6.61
C2' CFL A 1 -3.10 -5.32 -8.09
C1' CFL A 1 -2.92 -4.00 -7.32
N1 CFL A 1 -3.83 -2.90 -7.77
C2 CFL A 1 -5.20 -3.03 -7.51
O2 CFL A 1 -5.67 -4.03 -6.96
N3 CFL A 1 -6.06 -2.04 -7.86
C4 CFL A 1 -5.58 -0.97 -8.46
N4 CFL A 1 -6.46 -0.02 -8.73
C5 CFL A 1 -4.21 -0.78 -8.76
C6 CFL A 1 -3.36 -1.78 -8.39
F CFL A 1 -3.16 -5.08 -9.46
H5'1 CFL A 1 1.00 -3.98 -8.11
H5'2 CFL A 1 0.98 -5.74 -8.28
H4' CFL A 1 -0.45 -4.99 -6.43
H3' CFL A 1 -1.48 -6.62 -8.63
H2' CFL A 1 -3.97 -5.88 -7.76
H1' CFL A 1 -3.10 -4.22 -6.26
HN41 CFL A 1 -7.42 -0.16 -8.40
HN42 CFL A 1 -6.17 0.84 -9.15
H5 CFL A 1 -3.81 0.11 -9.22
H6 CFL A 1 -2.30 -1.66 -8.56
HO5' CFL A 1 -0.72 -4.05 -9.83
P CFL A 3 4.57 -6.51 -1.86
O1P CFL A 3 6.03 -6.33 -1.77
O2P CFL A 3 3.94 -7.79 -1.49
O5' CFL A 3 3.85 -5.34 -1.03
C5' CFL A 3 4.07 -5.12 0.35
C4' CFL A 3 2.91 -4.27 0.93
O4' CFL A 3 2.82 -3.04 0.22
C3' CFL A 3 1.56 -4.98 0.85
O3' CFL A 3 0.99 -5.22 2.14
C2' CFL A 3 0.68 -4.00 0.06
C1' CFL A 3 1.45 -2.68 0.12
N1 CFL A 3 1.22 -1.76 -1.04
C2 CFL A 3 -0.05 -1.21 -1.20
O2 CFL A 3 -1.00 -1.52 -0.49
N3 CFL A 3 -0.28 -0.28 -2.16
C4 CFL A 3 0.70 0.06 -2.98
N4 CFL A 3 0.40 0.98 -3.86
C5 CFL A 3 2.00 -0.52 -2.91
C6 CFL A 3 2.22 -1.42 -1.91
F CFL A 3 0.54 -4.47 -1.24
H5'1 CFL A 3 5.02 -4.60 0.48
H5'2 CFL A 3 4.10 -6.07 0.88
H4' CFL A 3 3.13 -4.03 1.96
H3' CFL A 3 1.65 -5.91 0.28
H2' CFL A 3 -0.30 -3.90 0.52
H1' CFL A 3 1.15 -2.18 1.04
HN41 CFL A 3 -0.45 1.54 -3.81
HN42 CFL A 3 1.03 1.16 -4.61
H5 CFL A 3 2.79 -0.24 -3.58
H6 CFL A 3 3.21 -1.85 -1.79
P CFL A 5 6.25 -4.80 7.94
O1P CFL A 5 7.60 -4.99 8.50
O2P CFL A 5 5.11 -5.56 8.47
O5' CFL A 5 5.88 -3.23 7.99
C5' CFL A 5 5.89 -2.49 9.20
C4' CFL A 5 5.25 -1.12 8.99
O4' CFL A 5 5.93 -0.42 7.95
C3' CFL A 5 3.75 -1.18 8.60
O3' CFL A 5 2.92 -0.48 9.54
C2' CFL A 5 3.67 -0.50 7.24
C1' CFL A 5 4.99 0.30 7.18
N1 CFL A 5 5.50 0.53 5.80
C2 CFL A 5 4.78 1.39 4.97
O2 CFL A 5 3.76 1.95 5.36
N3 CFL A 5 5.20 1.67 3.71
C4 CFL A 5 6.29 1.08 3.27
N4 CFL A 5 6.62 1.39 2.04
C5 CFL A 5 7.06 0.16 4.05
C6 CFL A 5 6.64 -0.06 5.32
F CFL A 5 3.57 -1.45 6.24
H5'1 CFL A 5 6.93 -2.36 9.52
H5'2 CFL A 5 5.34 -3.03 9.97
H4' CFL A 5 5.35 -0.53 9.90
H3' CFL A 5 3.43 -2.22 8.49
H2' CFL A 5 2.82 0.17 7.19
H1' CFL A 5 4.79 1.26 7.66
HN41 CFL A 5 6.11 2.11 1.53
HN42 CFL A 5 7.38 0.92 1.59
H5 CFL A 5 7.96 -0.31 3.69
H6 CFL A 5 7.20 -0.72 5.97
O5' CFL B 1 4.95 9.14 2.33
C5' CFL B 1 3.64 8.59 2.27
C4' CFL B 1 3.42 7.48 3.32
O4' CFL B 1 4.36 6.45 3.08
C3' CFL B 1 3.61 7.95 4.77
O3' CFL B 1 2.42 7.75 5.54
C2' CFL B 1 4.75 7.08 5.28
C1' CFL B 1 4.68 5.87 4.33
N1 CFL B 1 5.94 5.07 4.29
C2 CFL B 1 6.30 4.35 5.42
O2 CFL B 1 5.62 4.37 6.45
N3 CFL B 1 7.43 3.59 5.43
C4 CFL B 1 8.18 3.56 4.34
N4 CFL B 1 9.21 2.76 4.41
C5 CFL B 1 7.86 4.27 3.15
C6 CFL B 1 6.72 5.02 3.16
F CFL B 1 5.95 7.75 5.11
H5'1 CFL B 1 3.48 8.16 1.28
H5'2 CFL B 1 2.90 9.37 2.43
H4' CFL B 1 2.42 7.07 3.20
H3' CFL B 1 3.92 8.99 4.81
H2' CFL B 1 4.62 6.80 6.32
H1' CFL B 1 3.86 5.25 4.69
HN41 CFL B 1 9.32 2.19 5.26
HN42 CFL B 1 9.81 2.63 3.61
H5 CFL B 1 8.45 4.21 2.26
H6 CFL B 1 6.43 5.54 2.27
HO5' CFL B 1 5.58 8.42 2.47
P CFL B 3 -4.06 7.06 1.13
O1P CFL B 3 -4.45 7.22 2.55
O2P CFL B 3 -4.92 7.58 0.05
O5' CFL B 3 -3.77 5.50 0.86
C5' CFL B 3 -4.78 4.57 0.53
C4' CFL B 3 -4.27 3.14 0.77
O4' CFL B 3 -3.14 2.88 -0.04
C3' CFL B 3 -3.88 2.89 2.24
O3' CFL B 3 -4.64 1.83 2.82
C2' CFL B 3 -2.40 2.53 2.18
C1' CFL B 3 -2.22 2.10 0.71
N1 CFL B 3 -0.83 2.25 0.19
C2 CFL B 3 0.18 1.44 0.74
O2 CFL B 3 -0.02 0.69 1.68
N3 CFL B 3 1.43 1.44 0.20
C4 CFL B 3 1.70 2.25 -0.79
N4 CFL B 3 2.92 2.18 -1.27
C5 CFL B 3 0.74 3.16 -1.35
C6 CFL B 3 -0.52 3.11 -0.83
F CFL B 3 -1.62 3.63 2.49
H5'1 CFL B 3 -5.06 4.69 -0.52
H5'2 CFL B 3 -5.66 4.73 1.15
H4' CFL B 3 -5.04 2.43 0.48
H3' CFL B 3 -3.99 3.81 2.83
H2' CFL B 3 -2.17 1.72 2.86
H1' CFL B 3 -2.52 1.05 0.66
HN41 CFL B 3 3.57 1.44 -1.01
HN42 CFL B 3 3.24 2.89 -1.89
H5 CFL B 3 0.96 3.82 -2.17
H6 CFL B 3 -1.30 3.74 -1.25
P CFL B 5 -11.34 0.43 -1.14
O1P CFL B 5 -11.54 -0.11 0.22
O2P CFL B 5 -12.49 0.88 -1.94
O5' CFL B 5 -10.51 -0.66 -1.99
C5' CFL B 5 -11.11 -1.80 -2.59
C4' CFL B 5 -10.03 -2.77 -3.08
O4' CFL B 5 -9.19 -2.13 -4.03
C3' CFL B 5 -9.13 -3.32 -1.96
O3' CFL B 5 -9.19 -4.75 -1.88
C2' CFL B 5 -7.73 -2.86 -2.32
C1' CFL B 5 -7.84 -2.54 -3.82
N1 CFL B 5 -6.88 -1.51 -4.32
C2 CFL B 5 -5.51 -1.84 -4.38
O2 CFL B 5 -5.09 -2.90 -3.95
N3 CFL B 5 -4.63 -0.97 -4.92
C4 CFL B 5 -5.05 0.19 -5.36
N4 CFL B 5 -4.13 0.98 -5.88
C5 CFL B 5 -6.42 0.60 -5.32
C6 CFL B 5 -7.30 -0.30 -4.81
F CFL B 5 -7.40 -1.74 -1.57
H5'1 CFL B 5 -11.72 -1.48 -3.43
H5'2 CFL B 5 -11.74 -2.31 -1.87
H4' CFL B 5 -10.52 -3.61 -3.59
H3' CFL B 5 -9.41 -2.88 -0.99
H2' CFL B 5 -7.00 -3.64 -2.15
H1' CFL B 5 -7.67 -3.49 -4.34
HN41 CFL B 5 -3.18 0.64 -6.01
HN42 CFL B 5 -4.38 1.90 -6.18
H5 CFL B 5 -6.76 1.55 -5.69
H6 CFL B 5 -8.36 -0.05 -4.78
O5' CFL A 1 0.16 -4.42 -9.99
C5' CFL A 1 0.70 -4.69 -8.69
C4' CFL A 1 -0.39 -4.96 -7.63
O4' CFL A 1 -1.21 -3.81 -7.53
C3' CFL A 1 -1.32 -6.14 -7.97
O3' CFL A 1 -1.20 -7.20 -7.02
C2' CFL A 1 -2.71 -5.53 -7.93
C1' CFL A 1 -2.49 -4.26 -7.10
N1 CFL A 1 -3.53 -3.21 -7.30
C2 CFL A 1 -4.81 -3.43 -6.79
O2 CFL A 1 -5.09 -4.45 -6.15
N3 CFL A 1 -5.80 -2.52 -6.99
C4 CFL A 1 -5.53 -1.42 -7.68
N4 CFL A 1 -6.52 -0.57 -7.82
C5 CFL A 1 -4.24 -1.14 -8.21
C6 CFL A 1 -3.26 -2.05 -8.00
F CFL A 1 -3.10 -5.20 -9.21
H5'1 CFL A 1 1.28 -3.83 -8.36
H5'2 CFL A 1 1.36 -5.57 -8.74
H4' CFL A 1 0.07 -5.12 -6.67
H3' CFL A 1 -1.12 -6.51 -8.98
H2' CFL A 1 -3.45 -6.19 -7.46
H1' CFL A 1 -2.45 -4.56 -6.05
HN41 CFL A 1 -7.41 -0.79 -7.37
HN42 CFL A 1 -6.37 0.29 -8.32
H5 CFL A 1 -4.02 -0.23 -8.76
H6 CFL A 1 -2.27 -1.87 -8.36
HO5' CFL A 1 -0.56 -3.79 -9.90
P CFL A 3 4.68 -6.71 -2.25
O1P CFL A 3 6.10 -6.55 -1.85
O2P CFL A 3 4.03 -8.02 -2.18
O5' CFL A 3 3.80 -5.66 -1.42
C5' CFL A 3 3.95 -5.46 -0.04
C4' CFL A 3 2.77 -4.61 0.47
O4' CFL A 3 2.76 -3.36 -0.20
C3' CFL A 3 1.38 -5.25 0.24
O3' CFL A 3 0.71 -5.56 1.48
C2' CFL A 3 0.59 -4.19 -0.50
C1' CFL A 3 1.42 -2.92 -0.24
N1 CFL A 3 1.23 -1.85 -1.26
C2 CFL A 3 0.00 -1.20 -1.29
O2 CFL A 3 -0.91 -1.50 -0.53
N3 CFL A 3 -0.24 -0.23 -2.20
C4 CFL A 3 0.71 0.10 -3.07
N4 CFL A 3 0.39 1.06 -3.90
C5 CFL A 3 1.98 -0.54 -3.10
C6 CFL A 3 2.21 -1.50 -2.16
F CFL A 3 0.49 -4.50 -1.84
H5'1 CFL A 3 4.87 -4.92 0.14
H5'2 CFL A 3 3.96 -6.40 0.49
H4' CFL A 3 2.90 -4.39 1.53
H3' CFL A 3 1.48 -6.15 -0.38
H2' CFL A 3 -0.41 -4.07 -0.08
H1' CFL A 3 1.14 -2.55 0.75
HN41 CFL A 3 -0.48 1.59 -3.81
HN42 CFL A 3 0.98 1.25 -4.67
H5 CFL A 3 2.76 -0.28 -3.80
H6 CFL A 3 3.17 -2.00 -2.12
P CFL A 5 4.82 -4.96 7.68
O1P CFL A 5 5.97 -5.07 8.59
O2P CFL A 5 3.61 -5.77 7.88
O5' CFL A 5 4.38 -3.42 7.63
C5' CFL A 5 4.31 -2.62 8.80
C4' CFL A 5 3.80 -1.22 8.45
O4' CFL A 5 4.73 -0.65 7.55
C3' CFL A 5 2.40 -1.16 7.79
O3' CFL A 5 1.52 -0.26 8.49
C2' CFL A 5 2.66 -0.59 6.40
C1' CFL A 5 3.99 0.13 6.64
N1 CFL A 5 4.76 0.38 5.39
C2 CFL A 5 4.24 1.31 4.52
O2 CFL A 5 3.23 1.96 4.81
N3 CFL A 5 4.82 1.53 3.32
C4 CFL A 5 5.88 0.83 2.97
N4 CFL A 5 6.32 1.14 1.78
C5 CFL A 5 6.47 -0.14 3.83
C6 CFL A 5 5.90 -0.32 5.05
F CFL A 5 2.73 -1.59 5.45
H5'1 CFL A 5 5.31 -2.54 9.22
H5'2 CFL A 5 3.65 -3.09 9.53
H4' CFL A 5 3.81 -0.61 9.34
H3' CFL A 5 1.97 -2.16 7.71
H2' CFL A 5 1.89 0.13 6.12
H1' CFL A 5 3.74 1.08 7.10
HN41 CFL A 5 5.84 1.88 1.27
HN42 CFL A 5 7.03 0.60 1.34
H5 CFL A 5 7.34 -0.72 3.56
H6 CFL A 5 6.31 -1.02 5.76
O5' CFL B 1 5.02 9.11 2.44
C5' CFL B 1 3.66 8.75 2.26
C4' CFL B 1 3.27 7.58 3.19
O4' CFL B 1 4.16 6.52 2.87
C3' CFL B 1 3.43 7.88 4.70
O3' CFL B 1 2.23 7.62 5.44
C2' CFL B 1 4.52 6.93 5.13
C1' CFL B 1 4.36 5.82 4.08
N1 CFL B 1 5.53 4.91 4.00
C2 CFL B 1 5.79 4.12 5.11
O2 CFL B 1 5.03 4.14 6.07
N3 CFL B 1 6.86 3.31 5.15
C4 CFL B 1 7.65 3.23 4.10
N4 CFL B 1 8.59 2.33 4.24
C5 CFL B 1 7.43 3.99 2.90
C6 CFL B 1 6.36 4.83 2.90
F CFL B 1 5.76 7.55 4.99
H5'1 CFL B 1 3.52 8.41 1.22
H5'2 CFL B 1 3.00 9.60 2.44
H4' CFL B 1 2.27 7.24 2.98
H3' CFL B 1 3.76 8.91 4.85
H2' CFL B 1 4.37 6.56 6.15
H1' CFL B 1 3.47 5.25 4.36
HN41 CFL B 1 8.55 1.79 5.11
HN42 CFL B 1 9.17 2.09 3.48
H5 CFL B 1 8.05 3.92 2.03
H6 CFL B 1 6.12 5.42 2.02
HO5' CFL B 1 5.50 8.31 2.66
P CFL B 3 -3.97 7.48 0.90
O1P CFL B 3 -4.42 7.85 2.25
O2P CFL B 3 -4.76 7.86 -0.29
O5' CFL B 3 -3.69 5.90 0.87
C5' CFL B 3 -4.70 4.94 0.73
C4' CFL B 3 -4.11 3.55 1.08
O4' CFL B 3 -3.05 3.27 0.20
C3' CFL B 3 -3.58 3.45 2.52
O3' CFL B 3 -4.35 2.56 3.33
C2' CFL B 3 -2.16 2.90 2.35
C1' CFL B 3 -2.15 2.42 0.89
N1 CFL B 3 -0.81 2.42 0.23
C2 CFL B 3 0.15 1.52 0.69
O2 CFL B 3 -0.08 0.77 1.63
N3 CFL B 3 1.36 1.45 0.09
C4 CFL B 3 1.63 2.24 -0.93
N4 CFL B 3 2.81 2.10 -1.47
C5 CFL B 3 0.70 3.20 -1.44
C6 CFL B 3 -0.52 3.25 -0.83
F CFL B 3 -1.23 3.91 2.57
H5'1 CFL B 3 -5.06 4.93 -0.31
H5'2 CFL B 3 -5.53 5.16 1.40
H4' CFL B 3 -4.87 2.79 0.92
H3' CFL B 3 -3.53 4.45 2.97
H2' CFL B 3 -1.96 2.07 3.02
H1' CFL B 3 -2.54 1.40 0.91
HN41 CFL B 3 3.45 1.36 -1.20
HN42 CFL B 3 3.10 2.74 -2.16
H5 CFL B 3 0.91 3.84 -2.27
H6 CFL B 3 -1.28 3.93 -1.20
P CFL B 5 -10.83 0.24 0.12
O1P CFL B 5 -10.81 -0.10 1.54
O2P CFL B 5 -12.11 0.39 -0.62
O5' CFL B 5 -9.90 -0.82 -0.66
C5' CFL B 5 -10.35 -2.11 -1.03
C4' CFL B 5 -9.17 -2.98 -1.49
O4' CFL B 5 -8.54 -2.39 -2.62
C3' CFL B 5 -8.07 -3.20 -0.43
O3' CFL B 5 -7.95 -4.58 -0.07
C2' CFL B 5 -6.79 -2.72 -1.08
C1' CFL B 5 -7.16 -2.68 -2.57
N1 CFL B 5 -6.38 -1.70 -3.38
C2 CFL B 5 -5.04 -1.96 -3.65
O2 CFL B 5 -4.49 -2.98 -3.23
N3 CFL B 5 -4.30 -1.10 -4.38
C4 CFL B 5 -4.86 0.02 -4.81
N4 CFL B 5 -4.08 0.82 -5.51
C5 CFL B 5 -6.22 0.35 -4.57
C6 CFL B 5 -6.96 -0.54 -3.86
F CFL B 5 -6.41 -1.48 -0.59
H5'1 CFL B 5 -11.07 -2.02 -1.83
H5'2 CFL B 5 -10.82 -2.58 -0.17
H4' CFL B 5 -9.56 -3.95 -1.81
H3' CFL B 5 -8.28 -2.59 0.46
H2' CFL B 5 -5.97 -3.44 -0.93
H1' CFL B 5 -6.99 -3.69 -2.96
HN41 CFL B 5 -3.13 0.54 -5.72
HN42 CFL B 5 -4.43 1.70 -5.82
H5 CFL B 5 -6.68 1.27 -4.93
H6 CFL B 5 -8.00 -0.35 -3.65
O5' CFL A 1 -0.48 -4.59 -9.74
C5' CFL A 1 0.21 -4.81 -8.51
C4' CFL A 1 -0.75 -5.11 -7.34
O4' CFL A 1 -1.62 -4.01 -7.17
C3' CFL A 1 -1.64 -6.35 -7.56
O3' CFL A 1 -1.37 -7.38 -6.59
C2' CFL A 1 -3.06 -5.81 -7.40
C1' CFL A 1 -2.82 -4.52 -6.62
N1 CFL A 1 -3.94 -3.55 -6.71
C2 CFL A 1 -5.13 -3.84 -6.04
O2 CFL A 1 -5.24 -4.84 -5.34
N3 CFL A 1 -6.20 -3.02 -6.15
C4 CFL A 1 -6.11 -1.93 -6.90
N4 CFL A 1 -7.17 -1.17 -6.94
C5 CFL A 1 -4.92 -1.57 -7.59
C6 CFL A 1 -3.86 -2.40 -7.48
F CFL A 1 -3.58 -5.53 -8.66
H5'1 CFL A 1 0.78 -3.92 -8.26
H5'2 CFL A 1 0.91 -5.64 -8.61
H4' CFL A 1 -0.18 -5.23 -6.43
H3' CFL A 1 -1.52 -6.74 -8.57
H2' CFL A 1 -3.70 -6.50 -6.86
H1' CFL A 1 -2.66 -4.80 -5.57
HN41 CFL A 1 -7.98 -1.44 -6.37
HN42 CFL A 1 -7.16 -0.32 -7.48
H5 CFL A 1 -4.84 -0.67 -8.18
H6 CFL A 1 -2.92 -2.16 -7.97
HO5' CFL A 1 -1.22 -4.00 -9.58
P CFL A 3 5.09 -6.40 -2.47
O1P CFL A 3 6.53 -6.12 -2.32
O2P CFL A 3 4.56 -7.76 -2.25
O5' CFL A 3 4.26 -5.37 -1.55
C5' CFL A 3 4.44 -5.28 -0.14
C4' CFL A 3 3.24 -4.56 0.49
O4' CFL A 3 3.09 -3.27 -0.09
C3' CFL A 3 1.91 -5.30 0.31
O3' CFL A 3 1.37 -5.77 1.56
C2' CFL A 3 0.97 -4.27 -0.31
C1' CFL A 3 1.72 -2.94 -0.08
N1 CFL A 3 1.41 -1.89 -1.08
C2 CFL A 3 0.14 -1.30 -1.07
O2 CFL A 3 -0.71 -1.63 -0.25
N3 CFL A 3 -0.18 -0.34 -1.96
C4 CFL A 3 0.71 0.03 -2.86
N4 CFL A 3 0.32 0.97 -3.70
C5 CFL A 3 2.01 -0.54 -2.95
C6 CFL A 3 2.34 -1.49 -2.03
F CFL A 3 0.79 -4.54 -1.65
H5'1 CFL A 3 5.36 -4.72 0.05
H5'2 CFL A 3 4.53 -6.28 0.30
H4' CFL A 3 3.43 -4.41 1.56
H3' CFL A 3 2.03 -6.14 -0.39
H2' CFL A 3 0.02 -4.25 0.20
H1' CFL A 3 1.44 -2.59 0.92
HN41 CFL A 3 -0.56 1.46 -3.61
HN42 CFL A 3 0.91 1.21 -4.45
H5 CFL A 3 2.74 -0.23 -3.67
H6 CFL A 3 3.32 -1.94 -2.03
P CFL A 5 5.65 -4.89 7.74
O1P CFL A 5 6.82 -5.12 8.59
O2P CFL A 5 4.39 -5.65 7.98
O5' CFL A 5 5.29 -3.33 7.75
C5' CFL A 5 5.20 -2.58 8.95
C4' CFL A 5 4.55 -1.22 8.68
O4' CFL A 5 5.33 -0.49 7.75
C3' CFL A 5 3.11 -1.31 8.13
O3' CFL A 5 2.17 -0.63 8.97
C2' CFL A 5 3.17 -0.63 6.77
C1' CFL A 5 4.46 0.21 6.89
N1 CFL A 5 5.11 0.50 5.57
C2 CFL A 5 4.47 1.39 4.71
O2 CFL A 5 3.42 1.93 5.02
N3 CFL A 5 5.02 1.69 3.51
C4 CFL A 5 6.14 1.10 3.15
N4 CFL A 5 6.60 1.44 1.97
C5 CFL A 5 6.83 0.16 3.98
C6 CFL A 5 6.28 -0.10 5.19
F CFL A 5 3.24 -1.56 5.75
H5'1 CFL A 5 6.21 -2.42 9.35
H5'2 CFL A 5 4.60 -3.12 9.68
H4' CFL A 5 4.54 -0.64 9.61
H3' CFL A 5 2.83 -2.36 7.99
H2' CFL A 5 2.32 0.02 6.61
H1' CFL A 5 4.16 1.15 7.36
HN41 CFL A 5 6.12 2.16 1.43
HN42 CFL A 5 7.40 0.99 1.60
H5 CFL A 5 7.75 -0.32 3.68
H6 CFL A 5 6.77 -0.79 5.88
O5' CFL B 1 5.27 9.36 2.29
C5' CFL B 1 3.96 8.85 2.13
C4' CFL B 1 3.64 7.72 3.12
O4' CFL B 1 4.55 6.65 2.88
C3' CFL B 1 3.79 8.12 4.60
O3' CFL B 1 2.56 7.93 5.31
C2' CFL B 1 4.86 7.17 5.13
C1' CFL B 1 4.74 6.01 4.14
N1 CFL B 1 5.91 5.10 4.15
C2 CFL B 1 6.09 4.29 5.27
O2 CFL B 1 5.29 4.29 6.19
N3 CFL B 1 7.17 3.48 5.37
C4 CFL B 1 8.05 3.46 4.39
N4 CFL B 1 9.04 2.62 4.55
C5 CFL B 1 7.91 4.25 3.20
C6 CFL B 1 6.83 5.06 3.12
F CFL B 1 6.10 7.78 5.01
H5'1 CFL B 1 3.84 8.45 1.11
H5'2 CFL B 1 3.22 9.65 2.26
H4' CFL B 1 2.64 7.35 2.94
H3' CFL B 1 4.13 9.15 4.70
H2' CFL B 1 4.66 6.87 6.15
H1' CFL B 1 3.84 5.46 4.42
HN41 CFL B 1 9.03 2.04 5.39
HN42 CFL B 1 9.74 2.51 3.84
H5 CFL B 1 8.62 4.21 2.39
H6 CFL B 1 6.67 5.66 2.24
HO5' CFL B 1 5.88 8.62 2.42
P CFL B 3 -3.73 7.61 0.78
O1P CFL B 3 -4.15 8.03 2.12
O2P CFL B 3 -4.53 7.95 -0.41
O5' CFL B 3 -3.48 6.02 0.80
C5' CFL B 3 -4.52 5.05 0.89
C4' CFL B 3 -3.93 3.70 1.33
O4' CFL B 3 -2.92 3.30 0.43
C3' CFL B 3 -3.31 3.72 2.74
O3' CFL B 3 -4.07 2.97 3.70
C2' CFL B 3 -1.92 3.11 2.54
C1' CFL B 3 -1.98 2.51 1.14
N1 CFL B 3 -0.69 2.47 0.42
C2 CFL B 3 0.30 1.60 0.87
O2 CFL B 3 0.11 0.85 1.83
N3 CFL B 3 1.51 1.53 0.25
C4 CFL B 3 1.74 2.33 -0.77
N4 CFL B 3 2.94 2.23 -1.31
C5 CFL B 3 0.79 3.26 -1.28
C6 CFL B 3 -0.43 3.28 -0.67
F CFL B 3 -0.94 4.09 2.66
H5'1 CFL B 3 -4.99 4.94 -0.08
H5'2 CFL B 3 -5.25 5.38 1.63
H4' CFL B 3 -4.71 2.94 1.30
H3' CFL B 3 -3.19 4.77 3.08
H2' CFL B 3 -1.74 2.32 3.27
H1' CFL B 3 -2.38 1.49 1.24
HN41 CFL B 3 3.62 1.52 -1.04
HN42 CFL B 3 3.20 2.87 -2.01
H5 CFL B 3 0.98 3.89 -2.13
H6 CFL B 3 -1.20 3.95 -1.03
P CFL B 5 -10.54 0.03 1.07
O1P CFL B 5 -10.46 -0.14 2.53
O2P CFL B 5 -11.86 0.02 0.37
O5' CFL B 5 -9.58 -1.06 0.38
C5' CFL B 5 -9.96 -2.42 0.24
C4' CFL B 5 -8.78 -3.27 -0.25
O4' CFL B 5 -8.35 -2.78 -1.51
C3' CFL B 5 -7.56 -3.29 0.69
O3' CFL B 5 -7.27 -4.62 1.16
C2' CFL B 5 -6.40 -2.80 -0.17
C1' CFL B 5 -6.94 -2.96 -1.60
N1 CFL B 5 -6.35 -1.99 -2.57
C2 CFL B 5 -5.03 -2.21 -2.98
O2 CFL B 5 -4.39 -3.18 -2.60
N3 CFL B 5 -4.43 -1.34 -3.83
C4 CFL B 5 -5.09 -0.28 -4.24
N4 CFL B 5 -4.43 0.53 -5.03
C5 CFL B 5 -6.44 0.00 -3.86
C6 CFL B 5 -7.04 -0.90 -3.03
F CFL B 5 -6.07 -1.50 0.16
H5'1 CFL B 5 -10.78 -2.49 -0.47
H5'2 CFL B 5 -10.29 -2.80 1.21
H4' CFL B 5 -9.13 -4.29 -0.41
H3' CFL B 5 -7.71 -2.61 1.52
H2' CFL B 5 -5.51 -3.43 -0.04
H1' CFL B 5 -6.72 -3.98 -1.90
HN41 CFL B 5 -3.48 0.28 -5.32
HN42 CFL B 5 -4.84 1.38 -5.33
H5 CFL B 5 -6.98 0.87 -4.20
H6 CFL B 5 -8.06 -0.75 -2.71
#